data_8HYM
#
_entry.id   8HYM
#
_cell.length_a   77.689
_cell.length_b   84.168
_cell.length_c   63.037
_cell.angle_alpha   90.00
_cell.angle_beta   100.64
_cell.angle_gamma   90.00
#
_symmetry.space_group_name_H-M   'C 1 2 1'
#
loop_
_entity.id
_entity.type
_entity.pdbx_description
1 polymer '4-hydroxyphenylpyruvate dioxygenase'
2 non-polymer 'COBALT (II) ION'
3 non-polymer 3-cyclopentyl-1,5-dimethyl-6-(2-oxidanyl-6-oxidanylidene-cyclohexen-1-yl)carbonyl-quinazoline-2,4-dione
4 water water
#
_entity_poly.entity_id   1
_entity_poly.type   'polypeptide(L)'
_entity_poly.pdbx_seq_one_letter_code
;GSHMVRKNPKSDKFKVKRFHHIEFWCGDATNVARRFSWGLGMRFSAKSDLSTGNMVHASYLLTSGDLRFLFTAPYSPSLS
AGEIKPTTTASIPSFDHGSCRSFFSSHGLGVRAVAIEVEDAESAFSISVANGAIPSSPPIVLNEAVTIAEVKLYGDVVLR
YVSYKAEDTEKSEFLPGFERVEDASSFPLDYGIRRLDHAVGNVPELGPALTYVAGFTGFHQFAEFTADDVGTAESGLNSA
VLASNDEMVLLPINEPVHGTKRKSQIQTYLEHNEGAGLQHLALMSEDIFRTLREMRKRSSIGGFDFMPSPPPTYYQNLKK
RVGDVLSDDQIKECEELGILVDRDDQGTLLQIFTKPLGDRPTIFIEIIQRVGCMMKDEEGKAYQSGGCGGFGKGNFSELF
KSIEEYEKTLEAKQLVG
;
_entity_poly.pdbx_strand_id   A
#
loop_
_chem_comp.id
_chem_comp.type
_chem_comp.name
_chem_comp.formula
CO non-polymer 'COBALT (II) ION' 'Co 2'
T8H non-polymer 3-cyclopentyl-1,5-dimethyl-6-(2-oxidanyl-6-oxidanylidene-cyclohexen-1-yl)carbonyl-quinazoline-2,4-dione 'C22 H24 N2 O5'
#
# COMPACT_ATOMS: atom_id res chain seq x y z
N LYS A 7 11.09 3.55 -21.93
CA LYS A 7 11.88 2.35 -22.16
C LYS A 7 11.65 1.31 -21.06
N ASN A 8 11.23 0.11 -21.46
CA ASN A 8 10.90 -0.97 -20.54
C ASN A 8 11.65 -2.23 -20.97
N PRO A 9 12.76 -2.56 -20.29
CA PRO A 9 13.55 -3.74 -20.70
C PRO A 9 12.91 -5.08 -20.40
N LYS A 10 11.83 -5.13 -19.63
CA LYS A 10 11.14 -6.37 -19.23
C LYS A 10 12.12 -7.39 -18.64
N SER A 11 12.82 -6.96 -17.60
CA SER A 11 13.92 -7.75 -17.04
C SER A 11 13.54 -8.55 -15.80
N ASP A 12 12.25 -8.67 -15.48
CA ASP A 12 11.81 -9.44 -14.31
C ASP A 12 12.52 -10.79 -14.26
N LYS A 13 13.09 -11.12 -13.10
CA LYS A 13 13.84 -12.37 -13.00
C LYS A 13 12.94 -13.58 -12.77
N PHE A 14 11.66 -13.37 -12.53
CA PHE A 14 10.67 -14.44 -12.42
C PHE A 14 9.32 -13.82 -12.75
N LYS A 15 8.32 -14.69 -13.01
CA LYS A 15 7.03 -14.22 -13.52
C LYS A 15 6.19 -13.65 -12.38
N VAL A 16 5.85 -12.38 -12.49
CA VAL A 16 5.08 -11.64 -11.48
C VAL A 16 3.72 -11.31 -12.07
N LYS A 17 2.66 -11.50 -11.26
CA LYS A 17 1.33 -11.20 -11.75
C LYS A 17 0.86 -9.85 -11.20
N ARG A 18 0.13 -9.83 -10.09
CA ARG A 18 -0.37 -8.57 -9.56
C ARG A 18 -0.14 -8.51 -8.05
N PHE A 19 -0.34 -7.32 -7.49
CA PHE A 19 -0.43 -7.20 -6.05
C PHE A 19 -1.48 -8.18 -5.54
N HIS A 20 -1.17 -8.87 -4.45
CA HIS A 20 -2.10 -9.84 -3.87
C HIS A 20 -2.75 -9.33 -2.58
N HIS A 21 -1.97 -8.92 -1.59
CA HIS A 21 -2.55 -8.34 -0.39
C HIS A 21 -1.50 -7.48 0.31
N ILE A 22 -1.98 -6.73 1.30
CA ILE A 22 -1.14 -5.93 2.17
C ILE A 22 -1.47 -6.39 3.59
N GLU A 23 -0.43 -6.72 4.37
CA GLU A 23 -0.66 -7.18 5.73
C GLU A 23 -0.15 -6.14 6.73
N PHE A 24 -1.05 -5.64 7.59
CA PHE A 24 -0.71 -4.78 8.71
C PHE A 24 -0.44 -5.62 9.95
N TRP A 25 0.61 -5.27 10.69
CA TRP A 25 0.84 -5.86 12.00
C TRP A 25 0.37 -4.89 13.08
N CYS A 26 -0.48 -5.38 13.98
CA CYS A 26 -1.31 -4.59 14.88
C CYS A 26 -1.11 -5.11 16.30
N GLY A 27 -1.58 -4.33 17.28
CA GLY A 27 -1.63 -4.88 18.60
C GLY A 27 -2.98 -5.52 18.86
N ASP A 28 -4.02 -4.97 18.26
CA ASP A 28 -5.39 -5.52 18.31
C ASP A 28 -5.96 -5.48 16.90
N ALA A 29 -6.00 -6.63 16.25
CA ALA A 29 -6.46 -6.65 14.86
C ALA A 29 -7.92 -6.26 14.75
N THR A 30 -8.75 -6.63 15.73
CA THR A 30 -10.19 -6.38 15.66
C THR A 30 -10.50 -4.90 15.50
N ASN A 31 -9.95 -4.06 16.38
CA ASN A 31 -10.31 -2.66 16.35
C ASN A 31 -9.76 -1.95 15.11
N VAL A 32 -8.54 -2.27 14.71
CA VAL A 32 -8.00 -1.68 13.47
C VAL A 32 -8.86 -2.09 12.28
N ALA A 33 -9.15 -3.39 12.14
CA ALA A 33 -9.92 -3.86 10.99
C ALA A 33 -11.30 -3.20 10.94
N ARG A 34 -11.98 -3.08 12.08
CA ARG A 34 -13.32 -2.49 12.06
C ARG A 34 -13.27 -1.02 11.70
N ARG A 35 -12.27 -0.28 12.21
CA ARG A 35 -12.10 1.11 11.82
C ARG A 35 -11.85 1.22 10.32
N PHE A 36 -10.93 0.41 9.78
CA PHE A 36 -10.61 0.47 8.35
C PHE A 36 -11.81 0.09 7.50
N SER A 37 -12.57 -0.92 7.93
CA SER A 37 -13.74 -1.35 7.15
C SER A 37 -14.72 -0.19 6.96
N TRP A 38 -15.05 0.50 8.05
CA TRP A 38 -16.01 1.59 7.99
C TRP A 38 -15.43 2.79 7.25
N GLY A 39 -14.16 3.09 7.48
CA GLY A 39 -13.57 4.28 6.90
C GLY A 39 -13.34 4.20 5.40
N LEU A 40 -13.02 3.01 4.89
CA LEU A 40 -12.67 2.83 3.49
C LEU A 40 -13.73 2.07 2.70
N GLY A 41 -14.74 1.53 3.38
CA GLY A 41 -15.80 0.82 2.68
C GLY A 41 -15.33 -0.53 2.18
N MET A 42 -14.70 -1.29 3.05
CA MET A 42 -14.20 -2.61 2.73
C MET A 42 -14.96 -3.63 3.55
N ARG A 43 -15.31 -4.74 2.93
CA ARG A 43 -16.14 -5.76 3.57
C ARG A 43 -15.26 -6.77 4.29
N PHE A 44 -15.73 -7.29 5.44
CA PHE A 44 -15.02 -8.38 6.10
C PHE A 44 -15.24 -9.68 5.32
N SER A 45 -14.17 -10.28 4.82
CA SER A 45 -14.38 -11.43 3.94
C SER A 45 -13.80 -12.74 4.43
N ALA A 46 -12.73 -12.74 5.23
CA ALA A 46 -12.22 -14.00 5.76
C ALA A 46 -11.56 -13.75 7.11
N LYS A 47 -11.41 -14.82 7.89
CA LYS A 47 -10.79 -14.73 9.20
C LYS A 47 -10.01 -16.00 9.50
N SER A 48 -8.99 -15.84 10.35
CA SER A 48 -8.24 -16.94 10.95
C SER A 48 -7.95 -16.51 12.37
N ASP A 49 -8.54 -17.20 13.35
CA ASP A 49 -8.45 -16.75 14.74
C ASP A 49 -8.85 -17.90 15.64
N LEU A 50 -9.10 -17.60 16.92
CA LEU A 50 -9.46 -18.66 17.87
C LEU A 50 -10.65 -19.47 17.37
N SER A 51 -11.64 -18.81 16.76
CA SER A 51 -12.83 -19.50 16.31
C SER A 51 -12.56 -20.44 15.13
N THR A 52 -11.42 -20.30 14.45
CA THR A 52 -11.04 -21.20 13.38
C THR A 52 -9.93 -22.16 13.81
N GLY A 53 -9.58 -22.18 15.09
CA GLY A 53 -8.56 -23.07 15.59
C GLY A 53 -7.16 -22.49 15.61
N ASN A 54 -7.01 -21.23 15.23
CA ASN A 54 -5.69 -20.58 15.25
C ASN A 54 -5.44 -20.06 16.65
N MET A 55 -4.52 -20.72 17.38
CA MET A 55 -4.13 -20.35 18.74
C MET A 55 -2.95 -19.39 18.78
N VAL A 56 -2.47 -18.94 17.63
CA VAL A 56 -1.22 -18.21 17.52
C VAL A 56 -1.47 -16.73 17.23
N HIS A 57 -2.27 -16.44 16.22
CA HIS A 57 -2.52 -15.07 15.79
C HIS A 57 -3.96 -14.91 15.34
N ALA A 58 -4.49 -13.70 15.54
CA ALA A 58 -5.78 -13.27 15.02
C ALA A 58 -5.53 -12.50 13.72
N SER A 59 -6.18 -12.93 12.63
CA SER A 59 -5.98 -12.32 11.31
C SER A 59 -7.34 -12.11 10.64
N TYR A 60 -7.62 -10.87 10.23
CA TYR A 60 -8.90 -10.51 9.62
C TYR A 60 -8.65 -9.88 8.27
N LEU A 61 -9.34 -10.37 7.25
CA LEU A 61 -9.14 -9.92 5.88
C LEU A 61 -10.31 -9.03 5.43
N LEU A 62 -9.98 -7.85 4.93
CA LEU A 62 -10.95 -6.92 4.33
C LEU A 62 -10.71 -6.84 2.84
N THR A 63 -11.79 -6.74 2.06
CA THR A 63 -11.67 -6.69 0.61
C THR A 63 -12.54 -5.58 0.04
N SER A 64 -12.03 -4.91 -0.99
CA SER A 64 -12.86 -4.01 -1.80
C SER A 64 -12.43 -4.20 -3.25
N GLY A 65 -13.32 -4.78 -4.06
CA GLY A 65 -12.88 -5.18 -5.39
C GLY A 65 -11.75 -6.19 -5.29
N ASP A 66 -10.61 -5.86 -5.91
CA ASP A 66 -9.42 -6.70 -5.87
C ASP A 66 -8.47 -6.36 -4.73
N LEU A 67 -8.75 -5.27 -3.99
CA LEU A 67 -7.89 -4.88 -2.89
C LEU A 67 -8.11 -5.80 -1.71
N ARG A 68 -7.02 -6.29 -1.13
CA ARG A 68 -7.06 -7.15 0.05
C ARG A 68 -6.18 -6.54 1.14
N PHE A 69 -6.79 -6.14 2.26
CA PHE A 69 -6.08 -5.68 3.46
C PHE A 69 -6.22 -6.74 4.54
N LEU A 70 -5.08 -7.22 5.07
CA LEU A 70 -5.03 -8.20 6.15
C LEU A 70 -4.51 -7.55 7.43
N PHE A 71 -5.21 -7.76 8.54
CA PHE A 71 -4.83 -7.21 9.84
C PHE A 71 -4.55 -8.36 10.79
N THR A 72 -3.33 -8.40 11.33
CA THR A 72 -2.89 -9.51 12.18
C THR A 72 -2.31 -8.99 13.49
N ALA A 73 -2.62 -9.70 14.57
CA ALA A 73 -2.09 -9.41 15.90
C ALA A 73 -1.83 -10.72 16.61
N PRO A 74 -0.86 -10.74 17.53
CA PRO A 74 -0.56 -11.98 18.25
C PRO A 74 -1.47 -12.20 19.45
N TYR A 75 -1.73 -13.47 19.75
CA TYR A 75 -2.33 -13.85 21.02
C TYR A 75 -1.24 -14.02 22.09
N SER A 76 -1.66 -14.35 23.31
CA SER A 76 -0.67 -14.73 24.32
C SER A 76 0.12 -15.92 23.81
N PRO A 77 1.46 -15.89 23.85
CA PRO A 77 2.23 -17.10 23.48
C PRO A 77 1.84 -18.32 24.29
N SER A 78 1.25 -18.13 25.49
CA SER A 78 0.90 -19.26 26.34
C SER A 78 -0.14 -20.16 25.69
N LEU A 79 -0.99 -19.63 24.80
CA LEU A 79 -2.02 -20.45 24.18
C LEU A 79 -1.42 -21.52 23.29
N SER A 80 -0.23 -21.29 22.75
CA SER A 80 0.37 -22.18 21.77
C SER A 80 1.73 -22.68 22.22
N ALA A 81 2.01 -22.59 23.52
CA ALA A 81 3.35 -22.90 24.04
C ALA A 81 3.74 -24.35 23.80
N GLY A 82 2.77 -25.25 23.67
CA GLY A 82 3.09 -26.63 23.40
C GLY A 82 3.36 -26.96 21.96
N GLU A 83 3.06 -26.02 21.05
CA GLU A 83 3.23 -26.26 19.63
C GLU A 83 4.68 -26.13 19.20
N ILE A 84 5.03 -26.83 18.12
CA ILE A 84 6.26 -26.59 17.37
C ILE A 84 5.85 -26.31 15.94
N LYS A 85 6.81 -25.79 15.16
CA LYS A 85 6.49 -25.43 13.78
C LYS A 85 5.81 -26.57 13.02
N PRO A 86 6.26 -27.82 13.10
CA PRO A 86 5.51 -28.92 12.47
C PRO A 86 4.07 -29.06 12.96
N THR A 87 3.75 -28.61 14.18
CA THR A 87 2.41 -28.77 14.73
C THR A 87 1.67 -27.46 14.89
N THR A 88 2.12 -26.39 14.22
CA THR A 88 1.55 -25.07 14.46
C THR A 88 0.09 -24.98 14.03
N THR A 89 -0.68 -24.19 14.77
CA THR A 89 -2.04 -23.85 14.35
C THR A 89 -2.11 -22.49 13.67
N ALA A 90 -0.96 -21.81 13.51
CA ALA A 90 -0.94 -20.56 12.75
C ALA A 90 -1.33 -20.83 11.30
N SER A 91 -2.08 -19.91 10.71
CA SER A 91 -2.41 -20.01 9.29
C SER A 91 -1.39 -19.32 8.41
N ILE A 92 -0.63 -18.39 8.98
CA ILE A 92 0.50 -17.75 8.30
C ILE A 92 1.79 -18.28 8.91
N PRO A 93 2.44 -19.28 8.29
CA PRO A 93 3.58 -19.93 8.96
C PRO A 93 4.76 -19.00 9.20
N SER A 94 4.89 -17.90 8.45
CA SER A 94 5.97 -16.96 8.74
C SER A 94 5.73 -16.17 10.02
N PHE A 95 4.54 -16.21 10.60
CA PHE A 95 4.28 -15.38 11.78
C PHE A 95 5.15 -15.81 12.97
N ASP A 96 5.61 -14.83 13.73
CA ASP A 96 6.39 -15.06 14.94
C ASP A 96 5.96 -14.04 15.98
N HIS A 97 5.59 -14.51 17.18
CA HIS A 97 5.12 -13.62 18.25
C HIS A 97 6.16 -12.54 18.53
N GLY A 98 7.41 -12.93 18.71
CA GLY A 98 8.45 -11.97 19.07
C GLY A 98 8.68 -10.94 17.98
N SER A 99 8.74 -11.40 16.72
CA SER A 99 8.89 -10.48 15.59
C SER A 99 7.75 -9.47 15.54
N CYS A 100 6.53 -9.95 15.78
CA CYS A 100 5.38 -9.07 15.66
C CYS A 100 5.36 -8.04 16.79
N ARG A 101 5.61 -8.48 18.01
CA ARG A 101 5.61 -7.51 19.12
C ARG A 101 6.76 -6.52 18.97
N SER A 102 7.92 -6.98 18.50
CA SER A 102 9.06 -6.09 18.25
C SER A 102 8.74 -5.08 17.14
N PHE A 103 8.14 -5.55 16.05
CA PHE A 103 7.72 -4.64 14.98
C PHE A 103 6.80 -3.56 15.52
N PHE A 104 5.74 -3.95 16.23
CA PHE A 104 4.75 -2.96 16.61
C PHE A 104 5.28 -2.02 17.69
N SER A 105 6.05 -2.54 18.63
CA SER A 105 6.60 -1.65 19.64
C SER A 105 7.59 -0.67 19.02
N SER A 106 8.30 -1.08 17.96
CA SER A 106 9.28 -0.22 17.33
C SER A 106 8.63 0.79 16.40
N HIS A 107 7.70 0.34 15.56
CA HIS A 107 7.17 1.15 14.49
C HIS A 107 5.75 1.65 14.73
N GLY A 108 5.03 1.07 15.70
CA GLY A 108 3.60 1.32 15.78
C GLY A 108 2.89 0.62 14.61
N LEU A 109 1.61 0.93 14.47
CA LEU A 109 0.79 0.28 13.44
C LEU A 109 1.34 0.55 12.05
N GLY A 110 1.51 -0.51 11.25
CA GLY A 110 2.05 -0.31 9.92
C GLY A 110 2.06 -1.59 9.11
N VAL A 111 2.55 -1.47 7.88
CA VAL A 111 2.56 -2.59 6.95
C VAL A 111 3.77 -3.47 7.22
N ARG A 112 3.53 -4.74 7.47
CA ARG A 112 4.60 -5.73 7.58
C ARG A 112 4.92 -6.35 6.23
N ALA A 113 3.91 -6.69 5.44
CA ALA A 113 4.13 -7.44 4.19
C ALA A 113 3.42 -6.78 3.01
N VAL A 114 4.16 -6.62 1.92
CA VAL A 114 3.63 -6.27 0.61
C VAL A 114 3.65 -7.58 -0.17
N ALA A 115 2.48 -8.14 -0.45
CA ALA A 115 2.41 -9.47 -1.07
C ALA A 115 2.04 -9.34 -2.54
N ILE A 116 2.83 -10.00 -3.39
CA ILE A 116 2.56 -10.08 -4.83
C ILE A 116 2.35 -11.54 -5.21
N GLU A 117 1.44 -11.76 -6.15
CA GLU A 117 1.19 -13.10 -6.64
C GLU A 117 2.19 -13.39 -7.76
N VAL A 118 2.80 -14.58 -7.70
CA VAL A 118 3.78 -14.99 -8.70
C VAL A 118 3.40 -16.36 -9.23
N GLU A 119 4.11 -16.78 -10.29
CA GLU A 119 3.83 -18.09 -10.86
C GLU A 119 4.25 -19.22 -9.94
N ASP A 120 5.40 -19.05 -9.30
CA ASP A 120 6.04 -20.11 -8.52
C ASP A 120 6.80 -19.44 -7.39
N ALA A 121 6.21 -19.45 -6.19
CA ALA A 121 6.80 -18.76 -5.05
C ALA A 121 8.10 -19.39 -4.60
N GLU A 122 8.23 -20.72 -4.74
CA GLU A 122 9.51 -21.36 -4.41
C GLU A 122 10.60 -20.88 -5.36
N SER A 123 10.30 -20.83 -6.66
CA SER A 123 11.28 -20.35 -7.62
C SER A 123 11.57 -18.87 -7.41
N ALA A 124 10.54 -18.05 -7.16
CA ALA A 124 10.77 -16.63 -6.93
C ALA A 124 11.70 -16.40 -5.74
N PHE A 125 11.48 -17.14 -4.65
CA PHE A 125 12.36 -17.03 -3.48
C PHE A 125 13.79 -17.41 -3.84
N SER A 126 13.97 -18.55 -4.49
CA SER A 126 15.31 -19.03 -4.82
C SER A 126 16.06 -18.04 -5.71
N ILE A 127 15.42 -17.61 -6.80
CA ILE A 127 16.04 -16.65 -7.71
C ILE A 127 16.32 -15.34 -6.99
N SER A 128 15.40 -14.90 -6.12
CA SER A 128 15.61 -13.66 -5.41
C SER A 128 16.85 -13.72 -4.55
N VAL A 129 16.95 -14.76 -3.70
CA VAL A 129 18.08 -14.81 -2.78
C VAL A 129 19.37 -15.10 -3.54
N ALA A 130 19.29 -15.81 -4.66
CA ALA A 130 20.47 -16.01 -5.49
C ALA A 130 20.98 -14.69 -6.06
N ASN A 131 20.11 -13.69 -6.16
CA ASN A 131 20.46 -12.38 -6.68
C ASN A 131 20.47 -11.30 -5.60
N GLY A 132 20.72 -11.68 -4.34
CA GLY A 132 21.03 -10.72 -3.30
C GLY A 132 19.94 -10.47 -2.28
N ALA A 133 18.75 -11.03 -2.46
CA ALA A 133 17.67 -10.81 -1.50
C ALA A 133 18.02 -11.44 -0.17
N ILE A 134 17.69 -10.74 0.91
CA ILE A 134 17.90 -11.24 2.26
C ILE A 134 16.68 -12.08 2.64
N PRO A 135 16.85 -13.38 2.88
CA PRO A 135 15.69 -14.23 3.19
C PRO A 135 15.05 -13.83 4.50
N SER A 136 13.72 -13.94 4.53
CA SER A 136 12.95 -13.69 5.74
C SER A 136 12.18 -14.92 6.19
N SER A 137 11.52 -15.61 5.26
CA SER A 137 10.85 -16.85 5.60
C SER A 137 10.89 -17.76 4.38
N PRO A 138 11.34 -19.00 4.56
CA PRO A 138 11.54 -19.87 3.41
C PRO A 138 10.21 -20.32 2.83
N PRO A 139 10.20 -20.82 1.60
CA PRO A 139 8.93 -21.25 1.00
C PRO A 139 8.30 -22.35 1.81
N ILE A 140 6.97 -22.24 2.01
CA ILE A 140 6.19 -23.22 2.73
C ILE A 140 4.93 -23.49 1.92
N VAL A 141 4.64 -24.77 1.67
CA VAL A 141 3.46 -25.14 0.92
C VAL A 141 2.32 -25.38 1.90
N LEU A 142 1.18 -24.73 1.65
CA LEU A 142 0.02 -24.77 2.54
C LEU A 142 -1.06 -25.67 1.93
N ASN A 143 -1.38 -26.75 2.64
CA ASN A 143 -2.42 -27.70 2.22
C ASN A 143 -2.24 -28.12 0.76
N GLU A 144 -0.98 -28.29 0.35
CA GLU A 144 -0.62 -28.68 -1.02
C GLU A 144 -1.24 -27.77 -2.07
N ALA A 145 -1.67 -26.57 -1.70
CA ALA A 145 -2.45 -25.71 -2.58
C ALA A 145 -1.81 -24.36 -2.85
N VAL A 146 -1.17 -23.76 -1.84
CA VAL A 146 -0.63 -22.41 -1.92
C VAL A 146 0.78 -22.43 -1.34
N THR A 147 1.68 -21.67 -1.95
CA THR A 147 3.06 -21.54 -1.48
C THR A 147 3.33 -20.09 -1.15
N ILE A 148 3.93 -19.87 0.04
CA ILE A 148 4.24 -18.53 0.55
C ILE A 148 5.73 -18.47 0.89
N ALA A 149 6.36 -17.35 0.54
CA ALA A 149 7.75 -17.10 0.90
C ALA A 149 7.94 -15.60 1.07
N GLU A 150 8.97 -15.21 1.83
CA GLU A 150 9.20 -13.82 2.18
C GLU A 150 10.68 -13.48 2.12
N VAL A 151 10.98 -12.32 1.53
CA VAL A 151 12.32 -11.74 1.59
C VAL A 151 12.20 -10.31 2.10
N LYS A 152 13.31 -9.79 2.61
CA LYS A 152 13.30 -8.43 3.12
C LYS A 152 13.19 -7.44 1.97
N LEU A 153 12.38 -6.40 2.18
CA LEU A 153 12.22 -5.35 1.19
C LEU A 153 12.94 -4.08 1.62
N TYR A 154 12.54 -3.48 2.74
CA TYR A 154 13.24 -2.36 3.36
C TYR A 154 12.76 -2.26 4.80
N GLY A 155 13.63 -1.75 5.68
CA GLY A 155 13.29 -1.73 7.10
C GLY A 155 12.88 -3.10 7.59
N ASP A 156 11.73 -3.18 8.27
CA ASP A 156 11.17 -4.45 8.70
C ASP A 156 9.98 -4.87 7.83
N VAL A 157 9.90 -4.34 6.62
CA VAL A 157 8.87 -4.70 5.65
C VAL A 157 9.41 -5.83 4.80
N VAL A 158 8.59 -6.84 4.56
CA VAL A 158 8.99 -7.94 3.68
C VAL A 158 8.19 -7.89 2.38
N LEU A 159 8.81 -8.40 1.32
CA LEU A 159 8.09 -8.69 0.08
C LEU A 159 7.68 -10.15 0.15
N ARG A 160 6.39 -10.41 0.05
CA ARG A 160 5.83 -11.75 0.22
C ARG A 160 5.42 -12.28 -1.14
N TYR A 161 5.96 -13.44 -1.50
CA TYR A 161 5.54 -14.11 -2.73
C TYR A 161 4.45 -15.13 -2.41
N VAL A 162 3.40 -15.14 -3.22
CA VAL A 162 2.31 -16.11 -3.08
C VAL A 162 2.03 -16.69 -4.47
N SER A 163 1.95 -18.02 -4.55
CA SER A 163 1.62 -18.71 -5.79
C SER A 163 0.58 -19.78 -5.50
N TYR A 164 -0.31 -20.00 -6.47
CA TYR A 164 -1.40 -20.98 -6.33
C TYR A 164 -1.22 -22.06 -7.38
N LYS A 165 -1.39 -23.31 -6.98
CA LYS A 165 -1.37 -24.40 -7.96
C LYS A 165 -2.59 -24.31 -8.88
N ALA A 166 -3.76 -24.10 -8.30
CA ALA A 166 -4.98 -23.93 -9.09
C ALA A 166 -5.26 -22.45 -9.35
N GLU A 173 -11.11 -18.61 0.45
CA GLU A 173 -10.31 -18.75 -0.77
C GLU A 173 -8.97 -18.04 -0.64
N PHE A 174 -8.83 -17.22 0.42
CA PHE A 174 -7.64 -16.42 0.61
C PHE A 174 -6.42 -17.31 0.78
N LEU A 175 -6.31 -17.94 1.93
CA LEU A 175 -5.26 -18.89 2.25
C LEU A 175 -5.89 -20.07 2.99
N PRO A 176 -5.28 -21.25 2.92
CA PRO A 176 -5.77 -22.38 3.73
C PRO A 176 -5.82 -22.01 5.20
N GLY A 177 -6.84 -22.52 5.88
CA GLY A 177 -7.04 -22.22 7.29
C GLY A 177 -7.82 -20.96 7.56
N PHE A 178 -8.03 -20.10 6.55
CA PHE A 178 -8.92 -18.97 6.67
C PHE A 178 -10.34 -19.42 6.33
N GLU A 179 -11.31 -18.90 7.08
CA GLU A 179 -12.72 -19.18 6.82
C GLU A 179 -13.42 -17.94 6.29
N ARG A 180 -14.33 -18.15 5.34
CA ARG A 180 -15.23 -17.10 4.88
C ARG A 180 -16.05 -16.54 6.05
N VAL A 181 -16.33 -15.24 6.00
CA VAL A 181 -16.97 -14.56 7.13
C VAL A 181 -18.48 -14.69 7.02
N GLU A 182 -19.13 -14.92 8.16
CA GLU A 182 -20.58 -15.06 8.24
C GLU A 182 -21.28 -13.89 7.57
N ASP A 183 -22.23 -14.20 6.68
CA ASP A 183 -22.92 -13.15 5.93
C ASP A 183 -23.58 -12.12 6.84
N ALA A 184 -24.08 -12.50 8.03
CA ALA A 184 -24.63 -11.51 8.95
C ALA A 184 -23.53 -10.59 9.49
N SER A 185 -22.34 -11.13 9.71
CA SER A 185 -21.19 -10.34 10.13
C SER A 185 -20.53 -9.61 8.98
N SER A 186 -20.96 -9.83 7.73
CA SER A 186 -20.27 -9.33 6.55
C SER A 186 -21.20 -8.39 5.79
N PHE A 187 -21.14 -7.10 6.13
CA PHE A 187 -21.98 -6.06 5.53
C PHE A 187 -21.35 -5.55 4.24
N PRO A 188 -22.09 -5.47 3.13
CA PRO A 188 -21.45 -5.25 1.82
C PRO A 188 -21.11 -3.78 1.55
N LEU A 189 -20.27 -3.20 2.40
CA LEU A 189 -19.83 -1.83 2.18
C LEU A 189 -19.02 -1.74 0.89
N ASP A 190 -19.13 -0.59 0.22
CA ASP A 190 -18.34 -0.35 -0.98
C ASP A 190 -18.38 1.12 -1.35
N TYR A 191 -17.24 1.81 -1.28
CA TYR A 191 -17.18 3.22 -1.66
C TYR A 191 -16.48 3.39 -3.01
N GLY A 192 -16.23 2.30 -3.73
CA GLY A 192 -15.64 2.39 -5.05
C GLY A 192 -14.18 2.01 -5.15
N ILE A 193 -13.54 1.62 -4.06
CA ILE A 193 -12.13 1.24 -4.16
C ILE A 193 -12.01 -0.13 -4.81
N ARG A 194 -11.05 -0.29 -5.72
CA ARG A 194 -10.99 -1.48 -6.55
C ARG A 194 -9.66 -2.23 -6.53
N ARG A 195 -8.52 -1.56 -6.35
CA ARG A 195 -7.26 -2.30 -6.32
C ARG A 195 -6.14 -1.44 -5.78
N LEU A 196 -5.02 -2.09 -5.41
CA LEU A 196 -3.81 -1.39 -5.01
C LEU A 196 -3.05 -0.94 -6.25
N ASP A 197 -2.78 0.35 -6.35
CA ASP A 197 -2.05 0.88 -7.49
C ASP A 197 -0.54 0.88 -7.27
N HIS A 198 -0.09 1.36 -6.10
CA HIS A 198 1.33 1.30 -5.78
C HIS A 198 1.51 1.34 -4.27
N ALA A 199 2.70 0.93 -3.85
CA ALA A 199 3.06 0.89 -2.43
C ALA A 199 4.47 1.46 -2.29
N VAL A 200 4.63 2.44 -1.40
CA VAL A 200 5.78 3.34 -1.41
C VAL A 200 6.54 3.19 -0.10
N GLY A 201 7.87 3.04 -0.20
CA GLY A 201 8.72 2.98 0.98
C GLY A 201 9.55 4.25 1.18
N ASN A 202 9.76 4.60 2.44
CA ASN A 202 10.70 5.66 2.81
C ASN A 202 11.99 5.03 3.34
N VAL A 203 13.13 5.48 2.84
CA VAL A 203 14.42 4.94 3.28
C VAL A 203 15.38 6.11 3.54
N PRO A 204 16.43 5.88 4.34
CA PRO A 204 17.44 6.93 4.52
C PRO A 204 18.29 7.20 3.28
N GLU A 205 18.56 6.18 2.47
CA GLU A 205 19.42 6.32 1.30
C GLU A 205 18.79 5.59 0.12
N LEU A 206 18.42 6.35 -0.91
CA LEU A 206 17.67 5.81 -2.03
C LEU A 206 18.51 4.87 -2.88
N GLY A 207 19.75 5.24 -3.17
CA GLY A 207 20.61 4.48 -4.06
C GLY A 207 20.75 3.03 -3.67
N PRO A 208 21.24 2.78 -2.45
CA PRO A 208 21.39 1.38 -1.99
C PRO A 208 20.09 0.62 -1.90
N ALA A 209 18.99 1.31 -1.57
CA ALA A 209 17.70 0.64 -1.52
C ALA A 209 17.26 0.19 -2.90
N LEU A 210 17.42 1.05 -3.92
CA LEU A 210 17.04 0.68 -5.28
C LEU A 210 17.93 -0.43 -5.83
N THR A 211 19.24 -0.30 -5.64
CA THR A 211 20.16 -1.32 -6.13
C THR A 211 19.82 -2.69 -5.56
N TYR A 212 19.46 -2.73 -4.27
CA TYR A 212 19.08 -3.99 -3.64
C TYR A 212 17.83 -4.59 -4.27
N VAL A 213 16.74 -3.81 -4.32
CA VAL A 213 15.46 -4.38 -4.75
C VAL A 213 15.49 -4.70 -6.24
N ALA A 214 15.92 -3.74 -7.06
CA ALA A 214 16.05 -4.03 -8.49
C ALA A 214 17.00 -5.19 -8.72
N GLY A 215 17.99 -5.35 -7.84
CA GLY A 215 18.97 -6.42 -7.97
C GLY A 215 18.34 -7.80 -7.91
N PHE A 216 17.45 -8.04 -6.94
CA PHE A 216 16.91 -9.39 -6.80
C PHE A 216 15.59 -9.62 -7.54
N THR A 217 14.87 -8.56 -7.94
CA THR A 217 13.62 -8.73 -8.70
C THR A 217 13.81 -8.63 -10.19
N GLY A 218 14.80 -7.86 -10.65
CA GLY A 218 14.83 -7.49 -12.06
C GLY A 218 13.83 -6.41 -12.42
N PHE A 219 13.15 -5.82 -11.44
CA PHE A 219 12.28 -4.71 -11.73
C PHE A 219 13.08 -3.56 -12.34
N HIS A 220 12.46 -2.82 -13.25
CA HIS A 220 13.12 -1.74 -13.96
C HIS A 220 12.62 -0.39 -13.45
N GLN A 221 13.40 0.64 -13.73
CA GLN A 221 13.01 1.99 -13.34
C GLN A 221 11.91 2.52 -14.26
N PHE A 222 10.83 2.99 -13.65
CA PHE A 222 9.68 3.53 -14.38
C PHE A 222 9.93 5.02 -14.62
N ALA A 223 9.83 5.45 -15.87
CA ALA A 223 10.23 6.80 -16.25
C ALA A 223 9.29 7.85 -15.68
N GLU A 224 9.87 8.88 -15.04
CA GLU A 224 9.12 10.04 -14.57
C GLU A 224 8.93 11.04 -15.71
N PHE A 225 8.11 12.07 -15.43
CA PHE A 225 7.44 12.91 -16.44
C PHE A 225 7.81 12.62 -17.91
N GLU A 234 13.40 19.84 -4.29
CA GLU A 234 12.96 21.04 -3.60
C GLU A 234 11.80 20.74 -2.64
N SER A 235 11.12 19.63 -2.87
CA SER A 235 9.97 19.20 -2.08
C SER A 235 10.37 18.30 -0.91
N GLY A 236 11.67 18.19 -0.62
CA GLY A 236 12.13 17.44 0.52
C GLY A 236 12.42 15.97 0.27
N LEU A 237 12.32 15.51 -0.97
CA LEU A 237 12.58 14.11 -1.27
C LEU A 237 13.20 13.96 -2.65
N ASN A 238 13.93 12.86 -2.80
CA ASN A 238 14.23 12.26 -4.09
C ASN A 238 13.56 10.90 -4.14
N SER A 239 13.11 10.50 -5.31
CA SER A 239 12.37 9.25 -5.41
C SER A 239 12.65 8.58 -6.73
N ALA A 240 12.35 7.29 -6.78
CA ALA A 240 12.36 6.52 -8.02
C ALA A 240 11.33 5.40 -7.88
N VAL A 241 10.92 4.85 -9.02
CA VAL A 241 9.84 3.86 -9.05
C VAL A 241 10.37 2.61 -9.74
N LEU A 242 10.27 1.47 -9.05
CA LEU A 242 10.56 0.17 -9.65
C LEU A 242 9.26 -0.48 -10.12
N ALA A 243 9.32 -1.14 -11.28
CA ALA A 243 8.12 -1.71 -11.89
C ALA A 243 8.40 -3.08 -12.46
N SER A 244 7.38 -3.94 -12.42
CA SER A 244 7.43 -5.26 -13.07
C SER A 244 7.25 -5.11 -14.58
N ASN A 245 7.29 -6.25 -15.28
CA ASN A 245 7.33 -6.28 -16.75
C ASN A 245 6.15 -5.53 -17.37
N ASP A 246 4.94 -5.76 -16.88
CA ASP A 246 3.80 -5.03 -17.41
C ASP A 246 3.47 -3.77 -16.61
N GLU A 247 4.35 -3.40 -15.66
CA GLU A 247 4.24 -2.17 -14.89
C GLU A 247 2.94 -2.08 -14.08
N MET A 248 2.43 -3.25 -13.68
CA MET A 248 1.27 -3.31 -12.78
C MET A 248 1.66 -3.49 -11.32
N VAL A 249 2.84 -4.04 -11.03
CA VAL A 249 3.40 -3.96 -9.69
C VAL A 249 4.34 -2.77 -9.67
N LEU A 250 4.01 -1.76 -8.85
CA LEU A 250 4.76 -0.51 -8.81
C LEU A 250 5.20 -0.24 -7.39
N LEU A 251 6.51 -0.06 -7.20
CA LEU A 251 7.10 0.12 -5.88
C LEU A 251 7.99 1.35 -5.86
N PRO A 252 7.41 2.53 -5.68
CA PRO A 252 8.25 3.73 -5.48
C PRO A 252 9.01 3.69 -4.16
N ILE A 253 10.14 4.40 -4.13
CA ILE A 253 10.95 4.57 -2.92
C ILE A 253 11.40 6.02 -2.80
N ASN A 254 11.29 6.59 -1.61
CA ASN A 254 11.69 7.95 -1.28
C ASN A 254 12.89 7.98 -0.35
N GLU A 255 13.73 9.00 -0.51
CA GLU A 255 14.73 9.37 0.48
C GLU A 255 14.55 10.84 0.83
N PRO A 256 14.96 11.26 2.03
CA PRO A 256 14.85 12.68 2.37
C PRO A 256 15.90 13.53 1.66
N VAL A 257 15.58 14.80 1.51
CA VAL A 257 16.55 15.82 1.11
C VAL A 257 16.76 16.73 2.30
N HIS A 258 17.97 16.74 2.86
CA HIS A 258 18.26 17.45 4.09
C HIS A 258 18.66 18.90 3.81
N GLY A 259 18.71 19.69 4.87
CA GLY A 259 19.21 21.05 4.79
C GLY A 259 18.28 22.04 4.13
N THR A 260 16.99 21.76 4.08
CA THR A 260 16.02 22.65 3.46
C THR A 260 15.59 23.71 4.48
N LYS A 261 14.62 24.55 4.11
CA LYS A 261 13.97 25.42 5.09
C LYS A 261 12.88 24.66 5.84
N ARG A 262 11.94 24.05 5.10
CA ARG A 262 10.92 23.20 5.68
C ARG A 262 11.45 21.77 5.80
N LYS A 263 11.33 21.20 6.99
CA LYS A 263 11.88 19.87 7.24
C LYS A 263 11.18 18.82 6.37
N SER A 264 11.99 17.92 5.80
CA SER A 264 11.46 16.88 4.93
C SER A 264 10.47 15.99 5.67
N GLN A 265 9.30 15.77 5.07
CA GLN A 265 8.36 14.82 5.65
C GLN A 265 8.90 13.39 5.59
N ILE A 266 9.85 13.11 4.71
CA ILE A 266 10.50 11.81 4.72
C ILE A 266 11.34 11.64 5.97
N GLN A 267 12.06 12.69 6.37
CA GLN A 267 12.87 12.65 7.58
C GLN A 267 11.99 12.51 8.82
N THR A 268 10.89 13.26 8.88
CA THR A 268 9.95 13.11 9.99
C THR A 268 9.48 11.67 10.10
N TYR A 269 9.08 11.08 8.97
CA TYR A 269 8.68 9.67 8.95
C TYR A 269 9.75 8.79 9.59
N LEU A 270 10.99 8.91 9.10
CA LEU A 270 12.06 8.03 9.58
C LEU A 270 12.27 8.19 11.07
N GLU A 271 12.10 9.41 11.59
CA GLU A 271 12.27 9.64 13.01
C GLU A 271 11.15 8.99 13.82
N HIS A 272 9.90 9.19 13.41
CA HIS A 272 8.78 8.68 14.21
C HIS A 272 8.56 7.19 14.01
N ASN A 273 8.98 6.64 12.87
CA ASN A 273 8.84 5.22 12.59
C ASN A 273 9.97 4.39 13.14
N GLU A 274 11.01 5.02 13.67
CA GLU A 274 12.26 4.35 14.00
C GLU A 274 12.85 3.66 12.77
N GLY A 275 12.95 4.40 11.67
CA GLY A 275 13.65 3.94 10.49
C GLY A 275 12.76 3.71 9.30
N ALA A 276 13.34 3.02 8.31
CA ALA A 276 12.70 2.78 7.03
C ALA A 276 11.40 1.99 7.20
N GLY A 277 10.47 2.23 6.29
CA GLY A 277 9.23 1.47 6.27
C GLY A 277 8.33 1.96 5.17
N LEU A 278 7.11 1.41 5.16
CA LEU A 278 6.14 1.77 4.12
C LEU A 278 5.50 3.11 4.45
N GLN A 279 5.53 4.02 3.48
CA GLN A 279 5.01 5.38 3.65
C GLN A 279 3.53 5.49 3.26
N HIS A 280 3.18 5.11 2.03
CA HIS A 280 1.77 5.20 1.68
C HIS A 280 1.37 4.06 0.74
N LEU A 281 0.09 3.75 0.82
CA LEU A 281 -0.58 2.82 -0.08
C LEU A 281 -1.51 3.65 -0.96
N ALA A 282 -1.41 3.46 -2.27
CA ALA A 282 -2.29 4.16 -3.21
C ALA A 282 -3.36 3.21 -3.70
N LEU A 283 -4.63 3.56 -3.45
CA LEU A 283 -5.77 2.71 -3.77
C LEU A 283 -6.51 3.32 -4.96
N MET A 284 -6.61 2.56 -6.04
CA MET A 284 -7.36 3.00 -7.22
C MET A 284 -8.85 2.90 -6.97
N SER A 285 -9.58 3.96 -7.30
CA SER A 285 -11.03 3.97 -7.26
C SER A 285 -11.57 3.97 -8.68
N GLU A 286 -12.72 3.30 -8.88
CA GLU A 286 -13.45 3.39 -10.14
C GLU A 286 -14.24 4.67 -10.25
N ASP A 287 -14.30 5.48 -9.20
CA ASP A 287 -15.05 6.74 -9.24
C ASP A 287 -14.59 7.54 -8.02
N ILE A 288 -13.50 8.30 -8.19
CA ILE A 288 -12.86 8.96 -7.06
C ILE A 288 -13.82 9.94 -6.41
N PHE A 289 -14.76 10.49 -7.18
CA PHE A 289 -15.69 11.45 -6.59
C PHE A 289 -16.62 10.77 -5.60
N ARG A 290 -17.20 9.62 -5.97
CA ARG A 290 -18.02 8.88 -5.03
C ARG A 290 -17.19 8.39 -3.85
N THR A 291 -15.97 7.90 -4.10
CA THR A 291 -15.14 7.42 -2.98
C THR A 291 -14.88 8.54 -1.98
N LEU A 292 -14.57 9.74 -2.46
CA LEU A 292 -14.25 10.83 -1.55
C LEU A 292 -15.50 11.38 -0.87
N ARG A 293 -16.63 11.43 -1.58
CA ARG A 293 -17.87 11.79 -0.89
C ARG A 293 -18.13 10.85 0.28
N GLU A 294 -18.01 9.54 0.04
CA GLU A 294 -18.32 8.54 1.07
C GLU A 294 -17.32 8.59 2.22
N MET A 295 -16.03 8.71 1.91
CA MET A 295 -15.02 8.72 2.96
C MET A 295 -15.13 10.00 3.79
N ARG A 296 -15.39 11.14 3.14
CA ARG A 296 -15.42 12.41 3.86
C ARG A 296 -16.64 12.49 4.76
N LYS A 297 -17.73 11.83 4.38
CA LYS A 297 -18.91 11.75 5.23
C LYS A 297 -18.60 11.07 6.56
N ARG A 298 -17.60 10.18 6.58
CA ARG A 298 -17.30 9.38 7.75
C ARG A 298 -16.09 9.85 8.52
N SER A 299 -15.41 10.92 8.08
CA SER A 299 -14.15 11.33 8.69
C SER A 299 -14.28 11.54 10.19
N SER A 300 -15.37 12.17 10.61
CA SER A 300 -15.58 12.54 12.01
C SER A 300 -16.40 11.52 12.78
N ILE A 301 -16.82 10.42 12.13
CA ILE A 301 -17.57 9.38 12.81
C ILE A 301 -16.85 8.04 12.64
N GLY A 302 -15.54 8.04 12.85
CA GLY A 302 -14.76 6.81 12.92
C GLY A 302 -13.91 6.52 11.71
N GLY A 303 -14.05 7.28 10.62
CA GLY A 303 -13.29 7.02 9.39
C GLY A 303 -11.97 7.74 9.34
N PHE A 304 -11.58 8.19 8.15
CA PHE A 304 -10.27 8.79 7.90
C PHE A 304 -10.40 10.27 7.59
N ASP A 305 -9.47 11.06 8.10
CA ASP A 305 -9.34 12.47 7.77
C ASP A 305 -8.45 12.63 6.54
N PHE A 306 -8.61 13.78 5.87
CA PHE A 306 -7.81 14.07 4.69
C PHE A 306 -6.94 15.29 4.95
N MET A 307 -5.83 15.38 4.20
CA MET A 307 -4.96 16.54 4.31
C MET A 307 -5.75 17.82 3.99
N PRO A 308 -5.30 18.97 4.46
CA PRO A 308 -6.02 20.21 4.16
C PRO A 308 -6.05 20.48 2.65
N SER A 309 -7.19 20.98 2.18
CA SER A 309 -7.40 21.13 0.75
C SER A 309 -6.53 22.27 0.20
N PRO A 310 -6.21 22.25 -1.08
CA PRO A 310 -5.46 23.36 -1.68
C PRO A 310 -6.32 24.61 -1.72
N PRO A 311 -5.71 25.79 -1.81
CA PRO A 311 -6.49 27.03 -1.94
C PRO A 311 -7.22 27.07 -3.28
N PRO A 312 -8.29 27.87 -3.38
CA PRO A 312 -9.05 27.89 -4.64
C PRO A 312 -8.23 28.34 -5.84
N THR A 313 -7.13 29.06 -5.65
CA THR A 313 -6.24 29.38 -6.76
C THR A 313 -5.72 28.13 -7.44
N TYR A 314 -5.54 27.03 -6.69
CA TYR A 314 -5.17 25.76 -7.31
C TYR A 314 -6.21 25.33 -8.33
N TYR A 315 -7.49 25.41 -7.95
CA TYR A 315 -8.54 25.06 -8.91
C TYR A 315 -8.77 26.19 -9.90
N GLN A 316 -8.48 27.42 -9.50
CA GLN A 316 -8.45 28.55 -10.43
C GLN A 316 -7.24 28.51 -11.35
N ASN A 317 -6.38 27.50 -11.25
CA ASN A 317 -5.33 27.25 -12.23
C ASN A 317 -5.50 25.93 -12.96
N LEU A 318 -6.52 25.14 -12.60
CA LEU A 318 -6.68 23.81 -13.17
C LEU A 318 -7.16 23.86 -14.62
N LYS A 319 -7.98 24.86 -14.98
CA LYS A 319 -8.48 24.95 -16.34
C LYS A 319 -7.33 25.03 -17.35
N LYS A 320 -6.31 25.82 -17.04
CA LYS A 320 -5.17 25.96 -17.94
C LYS A 320 -4.36 24.68 -18.08
N ARG A 321 -4.51 23.72 -17.15
CA ARG A 321 -3.68 22.53 -17.15
C ARG A 321 -4.40 21.26 -17.59
N VAL A 322 -5.70 21.12 -17.32
CA VAL A 322 -6.41 19.88 -17.61
C VAL A 322 -7.81 20.16 -18.13
N GLY A 323 -8.05 21.39 -18.60
CA GLY A 323 -9.36 21.77 -19.14
C GLY A 323 -9.80 20.97 -20.36
N ASP A 324 -8.89 20.23 -20.98
CA ASP A 324 -9.23 19.34 -22.09
C ASP A 324 -9.54 17.92 -21.65
N VAL A 325 -9.46 17.63 -20.35
CA VAL A 325 -9.75 16.32 -19.81
C VAL A 325 -10.96 16.36 -18.88
N LEU A 326 -11.11 17.44 -18.11
CA LEU A 326 -12.20 17.58 -17.16
C LEU A 326 -13.04 18.79 -17.51
N SER A 327 -14.36 18.63 -17.42
CA SER A 327 -15.26 19.75 -17.60
C SER A 327 -15.13 20.73 -16.43
N ASP A 328 -15.68 21.93 -16.61
CA ASP A 328 -15.70 22.88 -15.51
C ASP A 328 -16.49 22.34 -14.33
N ASP A 329 -17.55 21.57 -14.59
CA ASP A 329 -18.31 20.96 -13.50
C ASP A 329 -17.46 19.93 -12.75
N GLN A 330 -16.78 19.06 -13.50
CA GLN A 330 -15.90 18.07 -12.87
C GLN A 330 -14.72 18.72 -12.16
N ILE A 331 -14.28 19.89 -12.63
CA ILE A 331 -13.25 20.63 -11.91
C ILE A 331 -13.83 21.19 -10.61
N LYS A 332 -15.03 21.77 -10.67
CA LYS A 332 -15.67 22.28 -9.46
C LYS A 332 -15.84 21.17 -8.42
N GLU A 333 -16.18 19.96 -8.88
CA GLU A 333 -16.31 18.83 -7.96
C GLU A 333 -14.97 18.41 -7.36
N CYS A 334 -13.87 18.59 -8.09
CA CYS A 334 -12.55 18.42 -7.49
C CYS A 334 -12.33 19.42 -6.37
N GLU A 335 -12.73 20.67 -6.58
CA GLU A 335 -12.58 21.69 -5.55
C GLU A 335 -13.38 21.33 -4.30
N GLU A 336 -14.62 20.87 -4.47
CA GLU A 336 -15.46 20.53 -3.32
C GLU A 336 -14.81 19.46 -2.46
N LEU A 337 -14.17 18.47 -3.09
CA LEU A 337 -13.63 17.31 -2.41
C LEU A 337 -12.14 17.43 -2.09
N GLY A 338 -11.47 18.48 -2.55
CA GLY A 338 -10.05 18.64 -2.28
C GLY A 338 -9.13 17.80 -3.13
N ILE A 339 -9.62 17.27 -4.25
CA ILE A 339 -8.84 16.38 -5.09
C ILE A 339 -7.73 17.16 -5.79
N LEU A 340 -6.57 16.52 -5.94
CA LEU A 340 -5.47 17.06 -6.74
C LEU A 340 -5.45 16.41 -8.11
N VAL A 341 -4.90 17.15 -9.09
CA VAL A 341 -4.84 16.68 -10.47
C VAL A 341 -3.42 16.88 -11.00
N ASP A 342 -2.88 15.86 -11.66
CA ASP A 342 -1.61 15.98 -12.35
C ASP A 342 -1.69 15.25 -13.66
N ARG A 343 -0.68 15.47 -14.49
CA ARG A 343 -0.69 15.02 -15.88
C ARG A 343 0.73 14.73 -16.30
N ASP A 344 0.93 13.63 -17.02
CA ASP A 344 2.22 13.37 -17.63
C ASP A 344 2.07 13.41 -19.16
N ASP A 345 2.85 12.59 -19.86
CA ASP A 345 2.82 12.62 -21.33
C ASP A 345 1.59 11.91 -21.88
N GLN A 346 1.12 10.84 -21.21
CA GLN A 346 0.10 9.98 -21.77
C GLN A 346 -1.23 10.01 -21.02
N GLY A 347 -1.27 10.54 -19.79
CA GLY A 347 -2.53 10.49 -19.06
C GLY A 347 -2.59 11.49 -17.93
N THR A 348 -3.71 11.42 -17.21
CA THR A 348 -4.05 12.35 -16.13
C THR A 348 -4.25 11.57 -14.85
N LEU A 349 -3.89 12.19 -13.73
CA LEU A 349 -4.01 11.56 -12.42
C LEU A 349 -4.86 12.45 -11.51
N LEU A 350 -5.89 11.87 -10.92
CA LEU A 350 -6.60 12.47 -9.80
C LEU A 350 -6.15 11.77 -8.52
N GLN A 351 -5.79 12.55 -7.49
CA GLN A 351 -5.24 11.98 -6.26
C GLN A 351 -5.62 12.83 -5.05
N ILE A 352 -5.60 12.21 -3.86
CA ILE A 352 -5.77 12.92 -2.61
C ILE A 352 -5.16 12.05 -1.52
N PHE A 353 -4.71 12.67 -0.44
CA PHE A 353 -4.00 11.98 0.63
C PHE A 353 -4.74 12.08 1.94
N THR A 354 -4.80 10.97 2.68
CA THR A 354 -5.30 11.01 4.05
C THR A 354 -4.25 11.56 5.00
N LYS A 355 -4.74 11.97 6.17
CA LYS A 355 -3.87 12.14 7.33
C LYS A 355 -3.34 10.77 7.75
N PRO A 356 -2.29 10.73 8.58
CA PRO A 356 -1.76 9.43 9.03
C PRO A 356 -2.86 8.53 9.58
N LEU A 357 -2.72 7.22 9.33
CA LEU A 357 -3.74 6.24 9.67
C LEU A 357 -3.77 5.90 11.15
N GLY A 358 -2.68 6.14 11.86
CA GLY A 358 -2.61 5.82 13.28
C GLY A 358 -2.06 6.96 14.12
N ASP A 359 -1.55 6.64 15.31
CA ASP A 359 -1.02 7.66 16.23
C ASP A 359 0.19 8.38 15.64
N ARG A 360 1.03 7.66 14.89
CA ARG A 360 2.29 8.34 14.54
C ARG A 360 2.19 8.99 13.16
N PRO A 361 3.00 10.03 12.91
CA PRO A 361 2.98 10.66 11.55
C PRO A 361 3.81 9.84 10.57
N THR A 362 3.31 8.67 10.22
CA THR A 362 4.07 7.72 9.42
C THR A 362 3.25 7.30 8.20
N ILE A 363 2.52 6.18 8.29
CA ILE A 363 1.81 5.67 7.12
C ILE A 363 0.54 6.47 6.87
N PHE A 364 0.24 6.73 5.59
CA PHE A 364 -1.04 7.30 5.19
C PHE A 364 -1.51 6.61 3.91
N ILE A 365 -2.71 6.97 3.46
CA ILE A 365 -3.28 6.37 2.26
C ILE A 365 -3.47 7.45 1.20
N GLU A 366 -3.31 7.05 -0.04
CA GLU A 366 -3.62 7.89 -1.19
C GLU A 366 -4.77 7.24 -1.95
N ILE A 367 -5.76 8.04 -2.34
CA ILE A 367 -6.83 7.57 -3.21
C ILE A 367 -6.58 8.16 -4.58
N ILE A 368 -6.65 7.33 -5.63
CA ILE A 368 -6.32 7.80 -6.97
C ILE A 368 -7.29 7.30 -8.02
N GLN A 369 -7.37 8.05 -9.12
CA GLN A 369 -7.99 7.53 -10.34
C GLN A 369 -7.18 8.03 -11.52
N ARG A 370 -6.96 7.15 -12.49
CA ARG A 370 -6.14 7.42 -13.66
C ARG A 370 -7.00 7.51 -14.92
N VAL A 371 -6.69 8.47 -15.78
CA VAL A 371 -7.48 8.75 -16.97
C VAL A 371 -6.54 8.73 -18.17
N GLY A 372 -6.81 7.83 -19.12
CA GLY A 372 -6.02 7.76 -20.35
C GLY A 372 -5.30 6.44 -20.55
N CYS A 373 -4.31 6.43 -21.46
CA CYS A 373 -3.44 5.28 -21.70
C CYS A 373 -4.24 3.99 -21.88
N MET A 374 -5.24 4.03 -22.75
CA MET A 374 -5.99 2.83 -23.10
C MET A 374 -5.32 2.13 -24.28
N MET A 375 -5.25 0.80 -24.19
CA MET A 375 -4.73 -0.02 -25.28
C MET A 375 -5.66 -1.21 -25.52
N TYR A 383 -7.81 -2.42 -21.78
CA TYR A 383 -7.06 -2.28 -20.53
C TYR A 383 -6.34 -0.95 -20.46
N GLN A 384 -6.08 -0.49 -19.24
CA GLN A 384 -5.29 0.71 -18.99
C GLN A 384 -3.87 0.30 -18.61
N SER A 385 -2.87 0.95 -19.20
CA SER A 385 -1.49 0.64 -18.88
C SER A 385 -1.12 1.24 -17.52
N GLY A 386 -0.11 0.63 -16.89
CA GLY A 386 0.20 0.97 -15.52
C GLY A 386 0.90 2.31 -15.39
N GLY A 387 0.61 3.00 -14.29
CA GLY A 387 1.25 4.26 -14.02
C GLY A 387 0.78 5.41 -14.87
N CYS A 388 -0.28 5.22 -15.64
CA CYS A 388 -0.88 6.26 -16.48
C CYS A 388 -1.09 7.58 -15.74
N GLY A 389 -0.35 8.61 -16.13
CA GLY A 389 -0.41 9.89 -15.46
C GLY A 389 0.66 10.13 -14.44
N GLY A 390 1.45 9.11 -14.11
CA GLY A 390 2.56 9.28 -13.19
C GLY A 390 2.15 9.14 -11.75
N PHE A 391 2.78 9.90 -10.86
CA PHE A 391 2.55 9.76 -9.43
C PHE A 391 2.28 11.08 -8.74
N GLY A 392 2.20 12.18 -9.49
CA GLY A 392 1.76 13.44 -8.95
C GLY A 392 2.85 14.32 -8.38
N LYS A 393 4.11 14.04 -8.71
CA LYS A 393 5.19 14.86 -8.14
C LYS A 393 5.10 16.29 -8.62
N GLY A 394 4.50 16.53 -9.79
CA GLY A 394 4.25 17.90 -10.22
C GLY A 394 3.33 18.65 -9.29
N ASN A 395 2.50 17.93 -8.53
CA ASN A 395 1.59 18.60 -7.61
C ASN A 395 2.29 19.24 -6.42
N PHE A 396 3.58 18.93 -6.20
CA PHE A 396 4.33 19.62 -5.16
C PHE A 396 4.48 21.11 -5.49
N SER A 397 5.00 21.41 -6.68
CA SER A 397 5.18 22.81 -7.07
C SER A 397 3.86 23.50 -7.33
N GLU A 398 2.91 22.79 -7.96
CA GLU A 398 1.60 23.40 -8.22
C GLU A 398 0.90 23.77 -6.92
N LEU A 399 1.03 22.92 -5.91
CA LEU A 399 0.46 23.23 -4.60
C LEU A 399 1.14 24.44 -3.99
N PHE A 400 2.48 24.48 -4.04
CA PHE A 400 3.21 25.62 -3.52
C PHE A 400 2.85 26.90 -4.28
N LYS A 401 2.85 26.83 -5.61
CA LYS A 401 2.50 27.99 -6.42
C LYS A 401 1.13 28.54 -6.05
N SER A 402 0.12 27.65 -6.03
CA SER A 402 -1.24 28.08 -5.71
C SER A 402 -1.32 28.68 -4.32
N ILE A 403 -0.53 28.17 -3.38
CA ILE A 403 -0.54 28.67 -2.01
C ILE A 403 0.03 30.09 -1.96
N GLU A 404 1.16 30.32 -2.64
CA GLU A 404 1.76 31.64 -2.64
C GLU A 404 0.87 32.67 -3.32
N GLU A 405 0.30 32.32 -4.48
CA GLU A 405 -0.55 33.26 -5.20
C GLU A 405 -1.93 33.42 -4.56
N TYR A 406 -2.36 32.48 -3.71
CA TYR A 406 -3.59 32.70 -2.96
C TYR A 406 -3.36 33.74 -1.87
N GLU A 407 -2.17 33.74 -1.27
CA GLU A 407 -1.82 34.78 -0.30
C GLU A 407 -1.96 36.16 -0.92
N LYS A 408 -1.50 36.31 -2.16
CA LYS A 408 -1.63 37.57 -2.88
C LYS A 408 -3.10 37.96 -3.06
CO CO B . 1.56 7.89 -4.60
C10 T8H C . 2.48 13.91 -0.48
C15 T8H C . 2.20 15.35 1.39
C17 T8H C . 1.48 16.90 -3.55
C20 T8H C . 5.88 8.12 -5.96
C21 T8H C . 7.00 9.17 -6.00
C22 T8H C . 7.13 10.16 -4.83
C26 T8H C . 2.41 16.81 2.21
C28 T8H C . 1.37 15.02 3.45
C1 T8H C . 2.85 11.80 -3.85
C2 T8H C . 2.50 12.82 -4.91
C3 T8H C . 2.14 14.23 -4.47
C4 T8H C . 2.15 14.57 -2.95
C5 T8H C . 2.49 13.56 -1.96
C6 T8H C . 2.84 12.11 -2.38
C8 T8H C . 1.79 16.31 -1.06
C11 T8H C . 3.21 10.99 -1.43
C12 T8H C . 3.16 10.36 -4.19
C18 T8H C . 4.54 9.92 -4.62
C19 T8H C . 4.68 8.50 -5.10
C23 T8H C . 5.79 10.76 -4.38
C27 T8H C . 2.22 16.41 3.52
C29 T8H C . 1.01 14.88 1.89
N7 T8H C . 1.80 15.95 -2.53
N9 T8H C . 2.15 15.26 -0.05
O13 T8H C . 2.78 13.11 0.36
O14 T8H C . 2.21 9.59 -4.12
O16 T8H C . 1.52 17.42 -0.73
O24 T8H C . 3.47 7.77 -5.20
O25 T8H C . 5.74 11.82 -3.87
#